data_7AK7
#
_entry.id   7AK7
#
_cell.length_a   49.491
_cell.length_b   54.452
_cell.length_c   76.900
_cell.angle_alpha   100.570
_cell.angle_beta   97.730
_cell.angle_gamma   117.000
#
_symmetry.space_group_name_H-M   'P 1'
#
loop_
_entity.id
_entity.type
_entity.pdbx_description
1 polymer Acetyltransferase
2 polymer 'CopG family transcriptional regulator'
3 non-polymer 'ACETYL COENZYME *A'
4 non-polymer 'CHLORIDE ION'
5 water water
#
loop_
_entity_poly.entity_id
_entity_poly.type
_entity_poly.pdbx_seq_one_letter_code
_entity_poly.pdbx_strand_id
1 'polypeptide(L)'
;MGSMISTPEPLHAGHILTPFCCGVDSIDNWLKQRAMKNQTTGASRTFVCCGSDSNVLAYYSLASSAVTTNTSPGRFRRNM
PDPIPVVVLGRLAVDKSLHGQGVARALVRDAGLRVIQVAETIGIRGMLVHALSDEAREFFQRVGFVPSPMDPMMLMVTLG
DLVESV
;
A,B
2 'polypeptide(L)'
;GSMPAANSMAMKRETLNLRIKPAERDLIDRAAKARGKNRTDFVLEAARAAAEEALIEQRIIMADPEAYQEFLVRLDQTPS
PNAALRKTMQTPAPWEQEK
;
C,D,E,F
#
# COMPACT_ATOMS: atom_id res chain seq x y z
N MET A 4 -28.60 -21.32 -4.08
CA MET A 4 -29.24 -20.02 -4.43
C MET A 4 -28.44 -18.86 -3.80
N ILE A 5 -28.36 -17.75 -4.52
CA ILE A 5 -27.44 -16.60 -4.28
C ILE A 5 -28.06 -15.63 -3.26
N SER A 6 -27.34 -15.32 -2.16
CA SER A 6 -27.75 -14.36 -1.11
C SER A 6 -27.69 -12.91 -1.63
N THR A 7 -28.41 -12.02 -0.93
CA THR A 7 -28.32 -10.55 -1.06
C THR A 7 -26.88 -10.07 -0.84
N PRO A 8 -26.38 -9.18 -1.71
CA PRO A 8 -25.09 -8.52 -1.49
C PRO A 8 -24.98 -7.93 -0.07
N GLU A 9 -23.94 -8.32 0.65
CA GLU A 9 -23.62 -7.82 2.01
C GLU A 9 -22.13 -7.45 2.04
N PRO A 10 -21.67 -6.58 2.95
CA PRO A 10 -20.24 -6.32 3.08
C PRO A 10 -19.39 -7.58 3.32
N LEU A 11 -18.33 -7.75 2.56
CA LEU A 11 -17.35 -8.84 2.76
C LEU A 11 -16.85 -8.77 4.21
N HIS A 12 -16.74 -9.94 4.86
CA HIS A 12 -16.13 -10.17 6.20
C HIS A 12 -15.28 -11.43 6.16
N ALA A 13 -14.59 -11.75 7.26
CA ALA A 13 -13.58 -12.85 7.33
C ALA A 13 -14.26 -14.22 7.26
N GLY A 14 -15.56 -14.32 7.55
CA GLY A 14 -16.34 -15.58 7.46
C GLY A 14 -16.64 -16.02 6.04
N HIS A 15 -16.49 -15.15 5.04
CA HIS A 15 -16.74 -15.46 3.61
C HIS A 15 -15.58 -16.29 3.06
N ILE A 16 -15.91 -17.32 2.27
CA ILE A 16 -14.96 -18.30 1.66
C ILE A 16 -14.70 -17.87 0.23
N LEU A 17 -13.43 -17.55 -0.08
CA LEU A 17 -13.00 -16.85 -1.32
C LEU A 17 -12.32 -17.82 -2.29
N THR A 18 -11.66 -18.88 -1.79
CA THR A 18 -10.71 -19.74 -2.55
C THR A 18 -11.34 -20.28 -3.84
N PRO A 19 -12.60 -20.78 -3.85
CA PRO A 19 -13.15 -21.38 -5.05
C PRO A 19 -13.66 -20.38 -6.11
N PHE A 20 -13.69 -19.08 -5.79
CA PHE A 20 -14.23 -18.06 -6.72
C PHE A 20 -13.39 -18.08 -8.00
N CYS A 21 -14.04 -18.32 -9.15
CA CYS A 21 -13.40 -18.22 -10.48
C CYS A 21 -14.36 -17.51 -11.44
N CYS A 22 -14.00 -16.30 -11.89
CA CYS A 22 -14.78 -15.53 -12.90
C CYS A 22 -14.17 -15.66 -14.31
N GLY A 23 -13.00 -16.33 -14.44
CA GLY A 23 -12.28 -16.47 -15.72
C GLY A 23 -11.22 -15.40 -15.97
N VAL A 24 -11.13 -14.35 -15.14
CA VAL A 24 -10.02 -13.37 -15.22
C VAL A 24 -9.19 -13.51 -13.94
N ASP A 25 -8.01 -14.13 -14.07
CA ASP A 25 -7.11 -14.48 -12.95
C ASP A 25 -6.95 -13.28 -12.00
N SER A 26 -6.59 -12.09 -12.53
CA SER A 26 -6.20 -10.90 -11.74
C SER A 26 -7.37 -10.48 -10.83
N ILE A 27 -8.59 -10.61 -11.33
CA ILE A 27 -9.84 -10.24 -10.61
C ILE A 27 -10.17 -11.33 -9.56
N ASP A 28 -9.96 -12.61 -9.88
CA ASP A 28 -10.05 -13.71 -8.88
C ASP A 28 -9.01 -13.46 -7.78
N ASN A 29 -7.76 -13.18 -8.15
CA ASN A 29 -6.62 -12.99 -7.21
C ASN A 29 -6.93 -11.83 -6.26
N TRP A 30 -7.41 -10.70 -6.77
CA TRP A 30 -7.68 -9.52 -5.93
C TRP A 30 -8.65 -9.89 -4.80
N LEU A 31 -9.68 -10.69 -5.10
CA LEU A 31 -10.69 -11.07 -4.08
C LEU A 31 -9.96 -11.84 -2.97
N LYS A 32 -9.18 -12.84 -3.37
CA LYS A 32 -8.52 -13.80 -2.44
C LYS A 32 -7.34 -13.15 -1.72
N GLN A 33 -6.67 -12.17 -2.32
CA GLN A 33 -5.38 -11.65 -1.81
C GLN A 33 -5.51 -10.26 -1.20
N ARG A 34 -6.41 -9.41 -1.69
CA ARG A 34 -6.39 -7.94 -1.35
C ARG A 34 -7.73 -7.45 -0.76
N ALA A 35 -8.85 -8.13 -1.00
CA ALA A 35 -10.20 -7.63 -0.69
C ALA A 35 -10.39 -7.49 0.82
N MET A 36 -10.02 -8.51 1.60
CA MET A 36 -10.23 -8.48 3.07
C MET A 36 -9.36 -7.37 3.70
N LYS A 37 -8.10 -7.25 3.24
CA LYS A 37 -7.16 -6.18 3.66
C LYS A 37 -7.76 -4.81 3.32
N ASN A 38 -8.26 -4.61 2.09
CA ASN A 38 -8.91 -3.33 1.67
C ASN A 38 -10.11 -3.05 2.59
N GLN A 39 -10.88 -4.09 2.91
CA GLN A 39 -12.15 -3.96 3.68
C GLN A 39 -11.83 -3.38 5.07
N THR A 40 -10.71 -3.79 5.67
CA THR A 40 -10.37 -3.46 7.08
C THR A 40 -9.68 -2.10 7.13
N THR A 41 -8.83 -1.76 6.15
CA THR A 41 -8.12 -0.46 6.07
C THR A 41 -9.08 0.64 5.58
N GLY A 42 -10.20 0.27 4.95
CA GLY A 42 -11.23 1.21 4.47
C GLY A 42 -10.87 1.85 3.14
N ALA A 43 -9.92 1.28 2.38
CA ALA A 43 -9.52 1.76 1.03
C ALA A 43 -10.73 1.69 0.09
N SER A 44 -11.50 0.60 0.14
CA SER A 44 -12.72 0.40 -0.68
C SER A 44 -13.71 -0.42 0.13
N ARG A 45 -14.95 -0.48 -0.32
CA ARG A 45 -15.98 -1.32 0.33
C ARG A 45 -16.39 -2.42 -0.67
N THR A 46 -16.25 -3.68 -0.26
CA THR A 46 -16.56 -4.86 -1.10
C THR A 46 -17.83 -5.53 -0.59
N PHE A 47 -18.69 -5.90 -1.54
CA PHE A 47 -20.00 -6.55 -1.29
C PHE A 47 -19.98 -7.90 -1.99
N VAL A 48 -20.49 -8.93 -1.31
CA VAL A 48 -20.45 -10.33 -1.82
C VAL A 48 -21.85 -10.92 -1.77
N CYS A 49 -22.13 -11.72 -2.78
CA CYS A 49 -23.21 -12.74 -2.80
C CYS A 49 -22.61 -14.11 -2.47
N CYS A 50 -23.33 -14.87 -1.65
CA CYS A 50 -22.92 -16.22 -1.20
C CYS A 50 -23.93 -17.28 -1.64
N GLY A 51 -23.43 -18.49 -1.80
CA GLY A 51 -24.25 -19.69 -2.05
C GLY A 51 -24.52 -20.44 -0.76
N SER A 52 -24.60 -21.76 -0.87
CA SER A 52 -25.15 -22.67 0.16
C SER A 52 -24.24 -22.67 1.40
N ASP A 53 -22.93 -22.45 1.24
CA ASP A 53 -21.93 -22.67 2.32
C ASP A 53 -21.02 -21.45 2.50
N SER A 54 -21.58 -20.24 2.50
CA SER A 54 -20.85 -18.98 2.80
C SER A 54 -19.71 -18.77 1.79
N ASN A 55 -19.79 -19.46 0.65
CA ASN A 55 -18.88 -19.35 -0.52
C ASN A 55 -19.34 -18.16 -1.36
N VAL A 56 -18.45 -17.20 -1.63
CA VAL A 56 -18.73 -16.03 -2.50
C VAL A 56 -18.92 -16.53 -3.94
N LEU A 57 -20.08 -16.23 -4.51
CA LEU A 57 -20.42 -16.54 -5.91
C LEU A 57 -20.30 -15.26 -6.76
N ALA A 58 -20.16 -14.10 -6.13
CA ALA A 58 -20.15 -12.83 -6.87
C ALA A 58 -19.78 -11.69 -5.94
N TYR A 59 -19.15 -10.66 -6.49
CA TYR A 59 -18.70 -9.50 -5.69
C TYR A 59 -18.54 -8.27 -6.57
N TYR A 60 -18.58 -7.12 -5.89
CA TYR A 60 -18.17 -5.83 -6.45
C TYR A 60 -17.68 -4.93 -5.32
N SER A 61 -16.88 -3.93 -5.67
CA SER A 61 -16.29 -2.93 -4.75
C SER A 61 -16.79 -1.54 -5.17
N LEU A 62 -17.08 -0.69 -4.19
CA LEU A 62 -17.32 0.74 -4.39
C LEU A 62 -16.28 1.51 -3.60
N ALA A 63 -15.88 2.66 -4.15
CA ALA A 63 -14.99 3.62 -3.47
C ALA A 63 -15.40 5.04 -3.86
N SER A 64 -15.19 5.97 -2.94
CA SER A 64 -15.41 7.42 -3.16
C SER A 64 -14.17 7.97 -3.88
N SER A 65 -14.40 8.81 -4.87
CA SER A 65 -13.33 9.43 -5.66
C SER A 65 -13.84 10.81 -6.06
N ALA A 66 -13.03 11.61 -6.74
CA ALA A 66 -13.42 12.95 -7.19
C ALA A 66 -12.77 13.25 -8.54
N VAL A 67 -13.49 13.96 -9.39
CA VAL A 67 -12.95 14.44 -10.70
C VAL A 67 -12.64 15.93 -10.56
N THR A 68 -11.59 16.40 -11.25
CA THR A 68 -11.16 17.81 -11.23
C THR A 68 -10.45 18.11 -12.55
N THR A 69 -10.03 19.36 -12.73
CA THR A 69 -9.42 19.89 -13.98
C THR A 69 -8.02 20.45 -13.71
N ASN A 70 -7.29 20.61 -14.80
CA ASN A 70 -5.82 20.85 -14.86
C ASN A 70 -5.53 22.33 -14.65
N THR A 71 -4.22 22.64 -14.56
CA THR A 71 -3.64 24.00 -14.51
C THR A 71 -2.13 23.87 -14.74
N PRO A 81 -10.80 24.84 -8.71
CA PRO A 81 -12.20 24.43 -8.56
C PRO A 81 -12.39 23.19 -7.66
N ASP A 82 -13.50 23.13 -6.91
CA ASP A 82 -13.83 21.99 -6.02
C ASP A 82 -13.97 20.75 -6.89
N PRO A 83 -13.23 19.67 -6.60
CA PRO A 83 -13.40 18.42 -7.32
C PRO A 83 -14.83 17.88 -7.12
N ILE A 84 -15.35 17.16 -8.10
CA ILE A 84 -16.72 16.58 -8.06
C ILE A 84 -16.64 15.19 -7.44
N PRO A 85 -17.30 14.97 -6.28
CA PRO A 85 -17.36 13.63 -5.69
C PRO A 85 -18.07 12.65 -6.64
N VAL A 86 -17.46 11.47 -6.82
CA VAL A 86 -18.09 10.34 -7.54
C VAL A 86 -17.90 9.08 -6.72
N VAL A 87 -18.77 8.09 -6.95
CA VAL A 87 -18.52 6.69 -6.50
C VAL A 87 -17.86 5.97 -7.66
N VAL A 88 -16.74 5.31 -7.42
CA VAL A 88 -16.11 4.42 -8.42
C VAL A 88 -16.53 2.99 -8.14
N LEU A 89 -17.17 2.40 -9.14
CA LEU A 89 -17.41 0.95 -9.21
C LEU A 89 -16.09 0.31 -9.63
N GLY A 90 -15.49 -0.46 -8.74
CA GLY A 90 -14.18 -1.08 -9.01
C GLY A 90 -14.39 -2.42 -9.68
N ARG A 91 -13.80 -3.47 -9.11
CA ARG A 91 -13.87 -4.83 -9.66
C ARG A 91 -15.29 -5.33 -9.45
N LEU A 92 -15.79 -6.06 -10.44
CA LEU A 92 -17.13 -6.69 -10.41
C LEU A 92 -16.96 -8.02 -11.12
N ALA A 93 -17.39 -9.11 -10.49
CA ALA A 93 -17.18 -10.46 -11.06
C ALA A 93 -18.20 -11.45 -10.51
N VAL A 94 -18.52 -12.42 -11.35
CA VAL A 94 -19.49 -13.51 -11.08
C VAL A 94 -18.78 -14.83 -11.33
N ASP A 95 -18.95 -15.79 -10.42
CA ASP A 95 -18.52 -17.19 -10.65
C ASP A 95 -19.03 -17.64 -12.03
N LYS A 96 -18.16 -18.27 -12.80
CA LYS A 96 -18.47 -18.82 -14.15
C LYS A 96 -19.73 -19.69 -14.07
N SER A 97 -19.99 -20.34 -12.95
CA SER A 97 -21.19 -21.20 -12.76
C SER A 97 -22.46 -20.38 -13.02
N LEU A 98 -22.42 -19.04 -12.90
CA LEU A 98 -23.63 -18.19 -12.87
C LEU A 98 -23.66 -17.22 -14.06
N HIS A 99 -22.73 -17.34 -14.99
CA HIS A 99 -22.62 -16.44 -16.17
C HIS A 99 -23.86 -16.54 -17.06
N GLY A 100 -24.21 -15.44 -17.73
CA GLY A 100 -25.29 -15.35 -18.73
C GLY A 100 -26.66 -15.37 -18.10
N GLN A 101 -26.82 -14.94 -16.84
CA GLN A 101 -28.12 -15.08 -16.13
C GLN A 101 -28.55 -13.79 -15.42
N GLY A 102 -27.97 -12.65 -15.76
CA GLY A 102 -28.36 -11.33 -15.22
C GLY A 102 -27.78 -11.05 -13.84
N VAL A 103 -26.86 -11.89 -13.33
CA VAL A 103 -26.29 -11.68 -11.97
C VAL A 103 -25.48 -10.39 -11.97
N ALA A 104 -24.61 -10.21 -12.96
CA ALA A 104 -23.70 -9.05 -13.00
C ALA A 104 -24.56 -7.79 -13.13
N ARG A 105 -25.53 -7.81 -14.05
CA ARG A 105 -26.45 -6.66 -14.21
C ARG A 105 -27.13 -6.37 -12.88
N ALA A 106 -27.52 -7.39 -12.11
CA ALA A 106 -28.16 -7.21 -10.79
C ALA A 106 -27.16 -6.62 -9.80
N LEU A 107 -25.86 -6.93 -9.91
CA LEU A 107 -24.83 -6.31 -9.03
C LEU A 107 -24.71 -4.82 -9.39
N VAL A 108 -24.76 -4.48 -10.67
CA VAL A 108 -24.71 -3.05 -11.11
C VAL A 108 -25.94 -2.29 -10.56
N ARG A 109 -27.13 -2.89 -10.63
CA ARG A 109 -28.35 -2.34 -10.00
C ARG A 109 -28.12 -2.17 -8.49
N ASP A 110 -27.53 -3.16 -7.82
CA ASP A 110 -27.29 -3.10 -6.37
C ASP A 110 -26.40 -1.88 -6.09
N ALA A 111 -25.34 -1.72 -6.88
CA ALA A 111 -24.38 -0.61 -6.76
C ALA A 111 -25.12 0.71 -6.98
N GLY A 112 -26.00 0.76 -7.99
CA GLY A 112 -26.71 1.99 -8.37
C GLY A 112 -27.63 2.46 -7.28
N LEU A 113 -28.30 1.52 -6.63
CA LEU A 113 -29.23 1.81 -5.52
C LEU A 113 -28.43 2.27 -4.30
N ARG A 114 -27.25 1.71 -4.03
CA ARG A 114 -26.35 2.21 -2.95
C ARG A 114 -25.99 3.66 -3.26
N VAL A 115 -25.61 3.93 -4.51
CA VAL A 115 -25.16 5.29 -4.89
C VAL A 115 -26.30 6.27 -4.64
N ILE A 116 -27.53 5.90 -4.98
CA ILE A 116 -28.72 6.77 -4.78
C ILE A 116 -28.90 7.03 -3.29
N GLN A 117 -28.86 5.98 -2.46
CA GLN A 117 -29.20 6.09 -1.02
C GLN A 117 -28.10 6.87 -0.26
N VAL A 118 -26.90 7.05 -0.81
CA VAL A 118 -25.78 7.75 -0.10
C VAL A 118 -25.48 9.12 -0.72
N ALA A 119 -26.04 9.43 -1.89
CA ALA A 119 -25.54 10.50 -2.80
C ALA A 119 -25.53 11.86 -2.10
N GLU A 120 -26.58 12.19 -1.36
CA GLU A 120 -26.83 13.53 -0.76
C GLU A 120 -25.84 13.76 0.40
N THR A 121 -25.32 12.71 1.04
CA THR A 121 -24.43 12.84 2.22
C THR A 121 -23.22 13.73 1.91
N ILE A 122 -22.49 13.45 0.82
CA ILE A 122 -21.25 14.21 0.47
C ILE A 122 -21.34 14.75 -0.97
N GLY A 123 -22.50 14.68 -1.61
CA GLY A 123 -22.74 15.28 -2.94
C GLY A 123 -22.08 14.47 -4.05
N ILE A 124 -22.31 13.15 -4.05
CA ILE A 124 -21.94 12.25 -5.18
C ILE A 124 -22.73 12.75 -6.40
N ARG A 125 -22.10 12.88 -7.56
CA ARG A 125 -22.80 13.41 -8.75
C ARG A 125 -22.93 12.31 -9.79
N GLY A 126 -22.29 11.16 -9.57
CA GLY A 126 -22.41 10.00 -10.46
C GLY A 126 -21.53 8.84 -10.08
N MET A 127 -21.60 7.80 -10.89
CA MET A 127 -20.86 6.55 -10.70
C MET A 127 -19.98 6.37 -11.93
N LEU A 128 -18.70 6.09 -11.70
CA LEU A 128 -17.71 5.83 -12.76
C LEU A 128 -17.28 4.37 -12.63
N VAL A 129 -16.76 3.83 -13.73
CA VAL A 129 -16.12 2.50 -13.76
C VAL A 129 -14.99 2.56 -14.79
N HIS A 130 -13.84 1.98 -14.46
CA HIS A 130 -12.69 1.86 -15.39
C HIS A 130 -12.79 0.49 -16.06
N ALA A 131 -13.21 0.47 -17.32
CA ALA A 131 -13.15 -0.68 -18.24
C ALA A 131 -11.70 -1.11 -18.39
N LEU A 132 -11.38 -2.36 -18.06
CA LEU A 132 -10.00 -2.90 -18.11
C LEU A 132 -9.74 -3.62 -19.45
N SER A 133 -10.78 -3.84 -20.25
CA SER A 133 -10.68 -4.43 -21.61
C SER A 133 -11.88 -4.01 -22.47
N ASP A 134 -11.83 -4.26 -23.78
CA ASP A 134 -12.94 -3.97 -24.74
C ASP A 134 -14.17 -4.79 -24.34
N GLU A 135 -13.96 -6.03 -23.86
CA GLU A 135 -15.04 -6.93 -23.34
CA GLU A 135 -15.04 -6.92 -23.35
C GLU A 135 -15.81 -6.20 -22.24
N ALA A 136 -15.10 -5.68 -21.23
CA ALA A 136 -15.68 -5.00 -20.06
C ALA A 136 -16.42 -3.73 -20.51
N ARG A 137 -15.83 -2.93 -21.40
CA ARG A 137 -16.49 -1.73 -21.93
C ARG A 137 -17.83 -2.13 -22.57
N GLU A 138 -17.82 -3.14 -23.43
CA GLU A 138 -19.04 -3.66 -24.09
C GLU A 138 -20.08 -4.02 -23.04
N PHE A 139 -19.69 -4.82 -22.04
CA PHE A 139 -20.56 -5.24 -20.91
C PHE A 139 -21.14 -4.03 -20.17
N PHE A 140 -20.29 -3.03 -19.88
CA PHE A 140 -20.69 -1.86 -19.07
C PHE A 140 -21.66 -0.98 -19.89
N GLN A 141 -21.40 -0.81 -21.18
CA GLN A 141 -22.31 -0.11 -22.14
C GLN A 141 -23.63 -0.89 -22.16
N ARG A 142 -23.55 -2.23 -22.12
CA ARG A 142 -24.72 -3.12 -22.27
C ARG A 142 -25.65 -2.99 -21.05
N VAL A 143 -25.16 -2.59 -19.89
CA VAL A 143 -26.02 -2.42 -18.68
C VAL A 143 -26.27 -0.94 -18.39
N GLY A 144 -25.85 -0.02 -19.26
CA GLY A 144 -26.33 1.38 -19.17
C GLY A 144 -25.25 2.41 -18.89
N PHE A 145 -23.98 2.04 -18.65
CA PHE A 145 -22.88 3.04 -18.57
C PHE A 145 -22.65 3.62 -19.96
N VAL A 146 -22.15 4.86 -20.02
CA VAL A 146 -21.76 5.55 -21.29
C VAL A 146 -20.34 6.08 -21.15
N PRO A 147 -19.56 6.17 -22.24
CA PRO A 147 -18.20 6.70 -22.17
C PRO A 147 -18.15 8.14 -21.64
N SER A 148 -17.16 8.42 -20.77
CA SER A 148 -16.94 9.76 -20.21
C SER A 148 -16.18 10.58 -21.25
N PRO A 149 -16.29 11.91 -21.19
CA PRO A 149 -15.51 12.78 -22.07
C PRO A 149 -14.01 12.70 -21.74
N MET A 150 -13.65 12.40 -20.49
CA MET A 150 -12.24 12.27 -20.05
C MET A 150 -11.54 11.16 -20.84
N ASP A 151 -12.19 9.99 -20.97
CA ASP A 151 -11.57 8.74 -21.45
C ASP A 151 -12.69 7.82 -21.93
N PRO A 152 -12.59 7.24 -23.15
CA PRO A 152 -13.58 6.28 -23.63
C PRO A 152 -13.64 4.97 -22.83
N MET A 153 -12.56 4.60 -22.13
CA MET A 153 -12.49 3.38 -21.27
C MET A 153 -12.87 3.74 -19.83
N MET A 154 -13.20 4.99 -19.55
CA MET A 154 -13.78 5.36 -18.25
C MET A 154 -15.26 5.69 -18.49
N LEU A 155 -16.16 4.85 -18.00
CA LEU A 155 -17.62 4.99 -18.28
C LEU A 155 -18.32 5.53 -17.02
N MET A 156 -19.55 5.99 -17.20
CA MET A 156 -20.25 6.80 -16.19
C MET A 156 -21.74 6.60 -16.31
N VAL A 157 -22.41 6.83 -15.21
CA VAL A 157 -23.87 7.12 -15.15
C VAL A 157 -23.99 8.29 -14.19
N THR A 158 -24.74 9.32 -14.60
CA THR A 158 -25.05 10.49 -13.75
C THR A 158 -26.03 10.04 -12.67
N LEU A 159 -25.95 10.67 -11.48
CA LEU A 159 -26.91 10.49 -10.38
C LEU A 159 -28.33 10.82 -10.87
N GLY A 160 -28.46 11.83 -11.74
CA GLY A 160 -29.76 12.19 -12.33
C GLY A 160 -30.37 11.06 -13.13
N ASP A 161 -29.60 10.51 -14.07
CA ASP A 161 -30.00 9.32 -14.88
C ASP A 161 -30.33 8.14 -13.95
N LEU A 162 -29.51 7.89 -12.92
CA LEU A 162 -29.71 6.77 -11.96
C LEU A 162 -31.07 6.92 -11.29
N VAL A 163 -31.32 8.10 -10.73
CA VAL A 163 -32.55 8.34 -9.92
C VAL A 163 -33.77 8.16 -10.83
N GLU A 164 -33.73 8.75 -12.02
CA GLU A 164 -34.85 8.71 -13.00
C GLU A 164 -35.04 7.28 -13.55
N SER A 165 -33.98 6.46 -13.56
CA SER A 165 -33.95 5.09 -14.14
C SER A 165 -34.78 4.12 -13.32
N VAL A 166 -34.92 4.36 -12.01
CA VAL A 166 -35.65 3.44 -11.09
C VAL A 166 -37.15 3.48 -11.44
N MET B 4 2.77 5.37 35.73
CA MET B 4 3.81 4.32 35.55
C MET B 4 3.57 3.60 34.21
N ILE B 5 4.66 3.21 33.54
CA ILE B 5 4.67 2.66 32.15
C ILE B 5 4.39 1.14 32.17
N SER B 6 3.39 0.68 31.42
CA SER B 6 3.02 -0.75 31.30
C SER B 6 4.07 -1.54 30.49
N THR B 7 4.06 -2.86 30.65
CA THR B 7 4.79 -3.84 29.81
C THR B 7 4.40 -3.67 28.33
N PRO B 8 5.39 -3.66 27.41
CA PRO B 8 5.10 -3.70 25.98
C PRO B 8 4.13 -4.82 25.60
N GLU B 9 3.03 -4.47 24.94
CA GLU B 9 1.98 -5.40 24.47
C GLU B 9 1.66 -5.05 23.02
N PRO B 10 1.13 -5.99 22.21
CA PRO B 10 0.67 -5.64 20.86
C PRO B 10 -0.34 -4.49 20.81
N LEU B 11 -0.07 -3.50 19.95
CA LEU B 11 -1.02 -2.42 19.67
C LEU B 11 -2.37 -3.01 19.26
N HIS B 12 -3.46 -2.45 19.80
CA HIS B 12 -4.87 -2.76 19.44
C HIS B 12 -5.65 -1.45 19.36
N ALA B 13 -6.92 -1.52 18.96
CA ALA B 13 -7.78 -0.32 18.70
C ALA B 13 -8.10 0.44 19.99
N GLY B 14 -7.99 -0.19 21.16
CA GLY B 14 -8.22 0.45 22.48
C GLY B 14 -7.11 1.41 22.90
N HIS B 15 -5.93 1.36 22.29
CA HIS B 15 -4.79 2.26 22.61
C HIS B 15 -5.03 3.67 22.05
N ILE B 16 -4.72 4.71 22.85
CA ILE B 16 -4.92 6.15 22.52
C ILE B 16 -3.58 6.69 22.00
N LEU B 17 -3.59 7.20 20.76
CA LEU B 17 -2.37 7.51 19.95
C LEU B 17 -2.16 9.02 19.85
N THR B 18 -3.25 9.81 19.83
CA THR B 18 -3.24 11.25 19.45
C THR B 18 -2.21 12.06 20.24
N PRO B 19 -2.05 11.87 21.57
CA PRO B 19 -1.13 12.71 22.34
C PRO B 19 0.35 12.31 22.24
N PHE B 20 0.67 11.21 21.55
CA PHE B 20 2.07 10.71 21.46
C PHE B 20 2.90 11.77 20.73
N CYS B 21 3.95 12.26 21.37
CA CYS B 21 4.94 13.19 20.75
C CYS B 21 6.35 12.77 21.18
N CYS B 22 7.15 12.25 20.25
CA CYS B 22 8.57 11.88 20.47
C CYS B 22 9.53 12.97 19.95
N GLY B 23 9.01 14.03 19.30
CA GLY B 23 9.84 15.11 18.72
C GLY B 23 10.21 14.91 17.25
N VAL B 24 9.94 13.74 16.67
CA VAL B 24 10.11 13.52 15.19
C VAL B 24 8.71 13.33 14.60
N ASP B 25 8.24 14.35 13.89
CA ASP B 25 6.86 14.44 13.36
C ASP B 25 6.49 13.14 12.63
N SER B 26 7.34 12.68 11.69
CA SER B 26 7.05 11.56 10.76
C SER B 26 6.80 10.29 11.57
N ILE B 27 7.54 10.13 12.67
CA ILE B 27 7.46 8.94 13.56
C ILE B 27 6.20 9.05 14.44
N ASP B 28 5.86 10.25 14.91
CA ASP B 28 4.55 10.50 15.60
C ASP B 28 3.42 10.17 14.61
N ASN B 29 3.48 10.69 13.38
CA ASN B 29 2.42 10.54 12.34
C ASN B 29 2.21 9.05 12.03
N TRP B 30 3.30 8.28 11.85
CA TRP B 30 3.18 6.84 11.50
C TRP B 30 2.33 6.12 12.55
N LEU B 31 2.56 6.42 13.83
CA LEU B 31 1.82 5.72 14.92
C LEU B 31 0.33 6.02 14.73
N LYS B 32 -0.01 7.29 14.56
CA LYS B 32 -1.40 7.81 14.51
C LYS B 32 -2.09 7.43 13.19
N GLN B 33 -1.34 7.31 12.09
CA GLN B 33 -1.94 7.22 10.73
C GLN B 33 -1.83 5.81 10.14
N ARG B 34 -0.78 5.04 10.47
CA ARG B 34 -0.42 3.82 9.72
C ARG B 34 -0.32 2.58 10.62
N ALA B 35 -0.09 2.74 11.93
CA ALA B 35 0.29 1.62 12.83
C ALA B 35 -0.87 0.64 12.97
N MET B 36 -2.09 1.14 13.21
CA MET B 36 -3.26 0.25 13.42
C MET B 36 -3.56 -0.52 12.13
N LYS B 37 -3.50 0.16 10.98
CA LYS B 37 -3.67 -0.46 9.63
C LYS B 37 -2.61 -1.54 9.43
N ASN B 38 -1.33 -1.24 9.71
CA ASN B 38 -0.22 -2.24 9.62
C ASN B 38 -0.54 -3.43 10.53
N GLN B 39 -1.04 -3.16 11.73
CA GLN B 39 -1.26 -4.19 12.78
C GLN B 39 -2.27 -5.23 12.25
N THR B 40 -3.29 -4.77 11.54
CA THR B 40 -4.44 -5.62 11.11
C THR B 40 -4.08 -6.36 9.81
N THR B 41 -3.36 -5.71 8.90
CA THR B 41 -2.96 -6.31 7.58
C THR B 41 -1.77 -7.25 7.78
N GLY B 42 -1.05 -7.15 8.90
CA GLY B 42 0.10 -8.02 9.21
C GLY B 42 1.38 -7.59 8.51
N ALA B 43 1.46 -6.34 8.04
CA ALA B 43 2.68 -5.77 7.41
C ALA B 43 3.82 -5.78 8.43
N SER B 44 3.54 -5.39 9.68
CA SER B 44 4.52 -5.37 10.80
C SER B 44 3.76 -5.63 12.09
N ARG B 45 4.48 -5.89 13.17
CA ARG B 45 3.88 -6.07 14.51
C ARG B 45 4.38 -4.92 15.40
N THR B 46 3.44 -4.15 15.97
CA THR B 46 3.75 -2.97 16.80
C THR B 46 3.43 -3.27 18.25
N PHE B 47 4.32 -2.85 19.13
CA PHE B 47 4.24 -3.07 20.59
C PHE B 47 4.26 -1.70 21.26
N VAL B 48 3.39 -1.52 22.26
CA VAL B 48 3.20 -0.22 22.93
C VAL B 48 3.33 -0.40 24.43
N CYS B 49 3.92 0.61 25.05
CA CYS B 49 3.80 0.90 26.51
C CYS B 49 2.75 1.97 26.72
N CYS B 50 1.96 1.80 27.78
CA CYS B 50 0.86 2.72 28.14
C CYS B 50 1.07 3.30 29.53
N GLY B 51 0.51 4.48 29.76
CA GLY B 51 0.42 5.13 31.07
C GLY B 51 -0.92 4.88 31.72
N SER B 52 -1.41 5.85 32.48
CA SER B 52 -2.51 5.70 33.46
C SER B 52 -3.83 5.41 32.72
N ASP B 53 -3.98 5.92 31.49
CA ASP B 53 -5.28 5.95 30.78
C ASP B 53 -5.16 5.37 29.36
N SER B 54 -4.48 4.23 29.21
CA SER B 54 -4.38 3.49 27.92
C SER B 54 -3.77 4.38 26.82
N ASN B 55 -3.08 5.44 27.22
CA ASN B 55 -2.31 6.39 26.36
C ASN B 55 -0.94 5.78 26.08
N VAL B 56 -0.58 5.63 24.82
CA VAL B 56 0.74 5.06 24.42
C VAL B 56 1.84 6.09 24.78
N LEU B 57 2.78 5.66 25.61
CA LEU B 57 3.95 6.46 26.03
C LEU B 57 5.18 6.04 25.22
N ALA B 58 5.11 4.93 24.49
CA ALA B 58 6.29 4.40 23.78
C ALA B 58 5.86 3.27 22.86
N TYR B 59 6.60 3.08 21.78
CA TYR B 59 6.29 1.99 20.83
C TYR B 59 7.53 1.61 20.02
N TYR B 60 7.47 0.40 19.50
CA TYR B 60 8.39 -0.08 18.45
C TYR B 60 7.67 -1.14 17.61
N SER B 61 8.14 -1.34 16.39
CA SER B 61 7.61 -2.32 15.43
C SER B 61 8.70 -3.34 15.11
N LEU B 62 8.33 -4.59 14.94
CA LEU B 62 9.19 -5.65 14.37
C LEU B 62 8.54 -6.18 13.10
N ALA B 63 9.37 -6.53 12.14
CA ALA B 63 8.95 -7.25 10.92
C ALA B 63 10.04 -8.25 10.52
N SER B 64 9.63 -9.36 9.90
CA SER B 64 10.52 -10.41 9.35
C SER B 64 10.98 -9.95 7.96
N SER B 65 12.26 -10.11 7.70
CA SER B 65 12.89 -9.69 6.43
C SER B 65 13.99 -10.70 6.15
N ALA B 66 14.67 -10.60 5.02
CA ALA B 66 15.76 -11.53 4.65
C ALA B 66 16.85 -10.75 3.91
N VAL B 67 18.11 -11.12 4.16
CA VAL B 67 19.27 -10.55 3.42
C VAL B 67 19.71 -11.57 2.36
N THR B 68 20.11 -11.07 1.20
CA THR B 68 20.60 -11.90 0.07
C THR B 68 21.59 -11.08 -0.76
N THR B 69 22.18 -11.73 -1.77
CA THR B 69 23.21 -11.17 -2.68
C THR B 69 22.84 -11.45 -4.13
N ASN B 70 23.56 -10.83 -5.07
CA ASN B 70 23.43 -10.96 -6.56
C ASN B 70 22.24 -10.12 -7.03
N MET B 80 22.77 -17.28 -6.49
CA MET B 80 21.48 -17.07 -5.79
C MET B 80 21.45 -17.94 -4.52
N PRO B 81 22.21 -17.57 -3.45
CA PRO B 81 22.15 -18.28 -2.18
C PRO B 81 20.81 -18.03 -1.45
N ASP B 82 20.43 -18.97 -0.57
CA ASP B 82 19.20 -18.89 0.27
C ASP B 82 19.30 -17.63 1.13
N PRO B 83 18.34 -16.70 1.05
CA PRO B 83 18.38 -15.47 1.85
C PRO B 83 18.39 -15.80 3.34
N ILE B 84 19.04 -14.94 4.14
CA ILE B 84 19.12 -15.12 5.62
C ILE B 84 17.94 -14.40 6.25
N PRO B 85 17.02 -15.11 6.95
CA PRO B 85 15.97 -14.45 7.70
C PRO B 85 16.55 -13.54 8.80
N VAL B 86 16.00 -12.34 8.89
CA VAL B 86 16.32 -11.37 9.98
C VAL B 86 15.01 -10.78 10.48
N VAL B 87 15.01 -10.28 11.71
CA VAL B 87 13.93 -9.39 12.23
C VAL B 87 14.41 -7.96 11.99
N VAL B 88 13.58 -7.14 11.37
CA VAL B 88 13.87 -5.69 11.26
C VAL B 88 13.10 -4.96 12.36
N LEU B 89 13.88 -4.26 13.19
CA LEU B 89 13.37 -3.25 14.13
C LEU B 89 13.05 -2.01 13.31
N GLY B 90 11.77 -1.66 13.25
CA GLY B 90 11.29 -0.51 12.47
C GLY B 90 11.38 0.75 13.30
N ARG B 91 10.29 1.50 13.36
CA ARG B 91 10.24 2.76 14.13
C ARG B 91 10.25 2.38 15.61
N LEU B 92 10.93 3.20 16.39
CA LEU B 92 11.00 3.09 17.86
C LEU B 92 10.96 4.52 18.39
N ALA B 93 10.10 4.80 19.36
CA ALA B 93 9.96 6.17 19.88
C ALA B 93 9.38 6.17 21.30
N VAL B 94 9.75 7.18 22.05
CA VAL B 94 9.34 7.41 23.46
C VAL B 94 8.75 8.82 23.54
N ASP B 95 7.60 8.95 24.20
CA ASP B 95 7.05 10.29 24.56
C ASP B 95 8.17 11.12 25.22
N LYS B 96 8.29 12.38 24.79
CA LYS B 96 9.29 13.35 25.30
C LYS B 96 9.23 13.40 26.83
N SER B 97 8.06 13.15 27.42
CA SER B 97 7.87 13.14 28.89
C SER B 97 8.84 12.16 29.55
N LEU B 98 9.32 11.14 28.82
CA LEU B 98 10.07 10.00 29.41
C LEU B 98 11.51 9.93 28.88
N HIS B 99 11.97 10.91 28.11
CA HIS B 99 13.32 10.91 27.49
C HIS B 99 14.40 10.94 28.58
N GLY B 100 15.55 10.31 28.29
CA GLY B 100 16.78 10.33 29.12
C GLY B 100 16.64 9.44 30.34
N GLN B 101 15.82 8.39 30.29
CA GLN B 101 15.53 7.58 31.50
C GLN B 101 15.58 6.07 31.20
N GLY B 102 16.19 5.63 30.10
CA GLY B 102 16.42 4.21 29.81
C GLY B 102 15.20 3.51 29.20
N VAL B 103 14.14 4.24 28.85
CA VAL B 103 12.92 3.60 28.30
C VAL B 103 13.26 3.00 26.92
N ALA B 104 13.91 3.77 26.06
CA ALA B 104 14.19 3.33 24.67
C ALA B 104 15.13 2.13 24.76
N ARG B 105 16.16 2.21 25.58
CA ARG B 105 17.09 1.07 25.79
C ARG B 105 16.28 -0.15 26.23
N ALA B 106 15.30 0.01 27.10
CA ALA B 106 14.44 -1.09 27.58
C ALA B 106 13.58 -1.64 26.44
N LEU B 107 13.16 -0.79 25.49
CA LEU B 107 12.39 -1.24 24.32
C LEU B 107 13.31 -2.09 23.44
N VAL B 108 14.57 -1.70 23.28
CA VAL B 108 15.54 -2.47 22.45
C VAL B 108 15.77 -3.85 23.10
N ARG B 109 15.92 -3.88 24.42
CA ARG B 109 16.00 -5.14 25.20
C ARG B 109 14.74 -5.97 24.96
N ASP B 110 13.57 -5.34 24.98
CA ASP B 110 12.28 -6.04 24.79
C ASP B 110 12.30 -6.70 23.42
N ALA B 111 12.73 -5.95 22.41
CA ALA B 111 12.81 -6.41 21.01
C ALA B 111 13.78 -7.59 20.94
N GLY B 112 14.93 -7.47 21.61
CA GLY B 112 15.98 -8.49 21.57
C GLY B 112 15.49 -9.80 22.17
N LEU B 113 14.74 -9.72 23.25
CA LEU B 113 14.18 -10.91 23.93
C LEU B 113 13.12 -11.57 23.05
N ARG B 114 12.31 -10.78 22.35
CA ARG B 114 11.35 -11.31 21.35
C ARG B 114 12.14 -12.06 20.27
N VAL B 115 13.20 -11.45 19.76
CA VAL B 115 13.98 -12.03 18.65
C VAL B 115 14.53 -13.38 19.12
N ILE B 116 15.04 -13.46 20.35
CA ILE B 116 15.61 -14.73 20.90
C ILE B 116 14.50 -15.79 20.96
N GLN B 117 13.34 -15.44 21.52
CA GLN B 117 12.28 -16.43 21.81
C GLN B 117 11.63 -16.92 20.49
N VAL B 118 11.79 -16.22 19.36
CA VAL B 118 11.16 -16.62 18.05
C VAL B 118 12.20 -17.18 17.06
N ALA B 119 13.49 -17.02 17.34
CA ALA B 119 14.59 -17.14 16.34
C ALA B 119 14.55 -18.52 15.66
N GLU B 120 14.42 -19.60 16.43
CA GLU B 120 14.56 -20.98 15.89
C GLU B 120 13.32 -21.37 15.08
N THR B 121 12.18 -20.70 15.20
CA THR B 121 10.95 -21.03 14.42
C THR B 121 11.25 -20.99 12.91
N ILE B 122 11.84 -19.91 12.39
CA ILE B 122 12.10 -19.77 10.93
C ILE B 122 13.58 -19.45 10.66
N GLY B 123 14.44 -19.57 11.67
CA GLY B 123 15.89 -19.37 11.51
C GLY B 123 16.28 -17.90 11.35
N ILE B 124 15.76 -17.04 12.23
CA ILE B 124 16.23 -15.63 12.35
C ILE B 124 17.69 -15.68 12.79
N ARG B 125 18.57 -14.93 12.15
CA ARG B 125 20.01 -14.99 12.46
C ARG B 125 20.48 -13.66 13.06
N GLY B 126 19.60 -12.66 13.06
CA GLY B 126 19.92 -11.37 13.68
C GLY B 126 18.81 -10.35 13.56
N MET B 127 19.07 -9.18 14.09
CA MET B 127 18.14 -8.04 14.11
C MET B 127 18.84 -6.87 13.43
N LEU B 128 18.14 -6.24 12.51
CA LEU B 128 18.62 -5.06 11.77
C LEU B 128 17.75 -3.88 12.17
N VAL B 129 18.30 -2.69 11.99
CA VAL B 129 17.53 -1.43 12.11
C VAL B 129 18.10 -0.46 11.08
N HIS B 130 17.24 0.29 10.41
CA HIS B 130 17.64 1.38 9.48
C HIS B 130 17.65 2.68 10.28
N ALA B 131 18.83 3.18 10.62
CA ALA B 131 19.08 4.54 11.14
C ALA B 131 18.60 5.56 10.10
N LEU B 132 17.66 6.42 10.46
CA LEU B 132 17.05 7.41 9.54
C LEU B 132 17.79 8.76 9.62
N SER B 133 18.67 8.93 10.60
CA SER B 133 19.52 10.15 10.77
C SER B 133 20.79 9.77 11.54
N ASP B 134 21.77 10.68 11.58
CA ASP B 134 23.05 10.49 12.32
C ASP B 134 22.76 10.37 13.81
N GLU B 135 21.77 11.11 14.30
CA GLU B 135 21.26 11.05 15.70
C GLU B 135 20.85 9.62 16.04
N ALA B 136 20.02 9.01 15.20
CA ALA B 136 19.49 7.63 15.41
C ALA B 136 20.63 6.62 15.36
N ARG B 137 21.57 6.77 14.43
CA ARG B 137 22.79 5.92 14.35
C ARG B 137 23.51 5.96 15.70
N GLU B 138 23.78 7.16 16.21
CA GLU B 138 24.49 7.38 17.48
C GLU B 138 23.72 6.61 18.57
N PHE B 139 22.41 6.84 18.67
CA PHE B 139 21.53 6.17 19.67
C PHE B 139 21.63 4.64 19.55
N PHE B 140 21.57 4.11 18.33
CA PHE B 140 21.52 2.65 18.09
C PHE B 140 22.89 2.03 18.44
N GLN B 141 23.98 2.71 18.09
CA GLN B 141 25.36 2.31 18.49
C GLN B 141 25.44 2.36 20.02
N ARG B 142 24.81 3.35 20.64
CA ARG B 142 24.89 3.60 22.09
C ARG B 142 24.20 2.48 22.87
N VAL B 143 23.23 1.76 22.29
CA VAL B 143 22.56 0.62 22.98
C VAL B 143 23.04 -0.73 22.44
N GLY B 144 24.04 -0.76 21.56
CA GLY B 144 24.70 -2.05 21.22
C GLY B 144 24.59 -2.47 19.77
N PHE B 145 23.85 -1.78 18.89
CA PHE B 145 23.87 -2.10 17.44
C PHE B 145 25.22 -1.70 16.86
N VAL B 146 25.66 -2.36 15.79
CA VAL B 146 26.92 -2.06 15.06
C VAL B 146 26.62 -1.91 13.58
N PRO B 147 27.37 -1.07 12.84
CA PRO B 147 27.17 -0.93 11.39
C PRO B 147 27.34 -2.24 10.64
N SER B 148 26.43 -2.49 9.68
CA SER B 148 26.48 -3.66 8.79
C SER B 148 27.46 -3.34 7.67
N PRO B 149 28.03 -4.37 7.02
CA PRO B 149 28.89 -4.15 5.86
C PRO B 149 28.08 -3.66 4.64
N MET B 150 26.79 -3.96 4.57
CA MET B 150 25.90 -3.52 3.48
C MET B 150 25.84 -1.99 3.44
N ASP B 151 25.66 -1.35 4.60
CA ASP B 151 25.36 0.09 4.73
C ASP B 151 25.76 0.52 6.14
N PRO B 152 26.54 1.61 6.30
CA PRO B 152 26.88 2.12 7.63
C PRO B 152 25.68 2.65 8.44
N MET B 153 24.59 3.06 7.77
CA MET B 153 23.33 3.52 8.40
C MET B 153 22.37 2.33 8.59
N MET B 154 22.78 1.13 8.22
CA MET B 154 21.97 -0.06 8.51
C MET B 154 22.73 -0.88 9.55
N LEU B 155 22.20 -0.92 10.78
CA LEU B 155 22.91 -1.49 11.94
C LEU B 155 22.31 -2.85 12.30
N MET B 156 23.04 -3.62 13.09
CA MET B 156 22.72 -5.04 13.33
C MET B 156 23.15 -5.45 14.73
N VAL B 157 22.48 -6.48 15.21
CA VAL B 157 22.98 -7.35 16.31
C VAL B 157 22.78 -8.78 15.82
N THR B 158 23.80 -9.62 15.95
CA THR B 158 23.69 -11.06 15.62
C THR B 158 22.89 -11.72 16.74
N LEU B 159 22.17 -12.79 16.39
CA LEU B 159 21.47 -13.67 17.36
C LEU B 159 22.49 -14.24 18.36
N GLY B 160 23.70 -14.52 17.90
CA GLY B 160 24.79 -15.02 18.76
C GLY B 160 25.14 -14.02 19.85
N ASP B 161 25.42 -12.78 19.47
CA ASP B 161 25.69 -11.66 20.42
C ASP B 161 24.49 -11.47 21.36
N LEU B 162 23.26 -11.53 20.82
CA LEU B 162 22.03 -11.33 21.64
C LEU B 162 21.98 -12.41 22.73
N VAL B 163 22.14 -13.67 22.32
CA VAL B 163 21.95 -14.84 23.24
C VAL B 163 23.05 -14.76 24.31
N GLU B 164 24.28 -14.48 23.92
CA GLU B 164 25.45 -14.38 24.84
C GLU B 164 25.27 -13.19 25.80
N SER B 165 24.56 -12.14 25.38
CA SER B 165 24.38 -10.86 26.13
C SER B 165 23.48 -11.07 27.36
N VAL B 166 22.53 -11.99 27.27
CA VAL B 166 21.49 -12.19 28.33
C VAL B 166 22.18 -12.83 29.54
N MET C 11 0.05 -14.53 -30.79
CA MET C 11 -1.07 -14.37 -31.77
C MET C 11 -0.96 -13.00 -32.45
N LYS C 12 -1.68 -12.00 -31.93
CA LYS C 12 -1.54 -10.57 -32.32
C LYS C 12 -0.70 -9.93 -31.19
N ARG C 13 0.53 -10.40 -31.05
CA ARG C 13 1.44 -10.00 -29.95
C ARG C 13 2.54 -9.09 -30.49
N GLU C 14 2.80 -7.99 -29.78
CA GLU C 14 3.91 -7.05 -30.05
C GLU C 14 5.05 -7.33 -29.07
N THR C 15 6.28 -7.07 -29.51
CA THR C 15 7.49 -7.07 -28.65
C THR C 15 7.60 -5.72 -27.92
N LEU C 16 7.78 -5.78 -26.60
CA LEU C 16 8.05 -4.62 -25.72
C LEU C 16 9.45 -4.84 -25.14
N ASN C 17 10.39 -3.98 -25.52
CA ASN C 17 11.82 -4.06 -25.10
C ASN C 17 12.04 -3.00 -24.03
N LEU C 18 12.33 -3.41 -22.80
CA LEU C 18 12.40 -2.49 -21.64
C LEU C 18 13.85 -2.42 -21.15
N ARG C 19 14.36 -1.20 -21.03
CA ARG C 19 15.73 -0.94 -20.52
C ARG C 19 15.73 -1.31 -19.04
N ILE C 20 16.59 -2.25 -18.64
CA ILE C 20 16.63 -2.82 -17.26
C ILE C 20 18.08 -2.96 -16.84
N LYS C 21 18.40 -2.59 -15.60
CA LYS C 21 19.70 -2.90 -14.96
C LYS C 21 19.79 -4.41 -14.78
N PRO C 22 20.93 -5.05 -15.11
CA PRO C 22 21.07 -6.50 -15.01
C PRO C 22 20.70 -7.07 -13.62
N ALA C 23 21.01 -6.33 -12.56
CA ALA C 23 20.71 -6.74 -11.15
C ALA C 23 19.18 -6.80 -10.95
N GLU C 24 18.43 -5.93 -11.62
CA GLU C 24 16.93 -5.87 -11.56
C GLU C 24 16.37 -7.07 -12.34
N ARG C 25 16.95 -7.36 -13.51
CA ARG C 25 16.58 -8.53 -14.34
C ARG C 25 16.81 -9.82 -13.52
N ASP C 26 17.95 -9.91 -12.82
CA ASP C 26 18.33 -11.15 -12.09
C ASP C 26 17.39 -11.33 -10.90
N LEU C 27 16.91 -10.26 -10.28
CA LEU C 27 15.96 -10.38 -9.14
C LEU C 27 14.61 -10.94 -9.63
N ILE C 28 14.15 -10.51 -10.80
CA ILE C 28 12.88 -10.98 -11.42
C ILE C 28 13.02 -12.48 -11.76
N ASP C 29 14.17 -12.87 -12.31
CA ASP C 29 14.44 -14.28 -12.70
C ASP C 29 14.41 -15.17 -11.46
N ARG C 30 14.96 -14.70 -10.34
CA ARG C 30 14.95 -15.46 -9.06
C ARG C 30 13.51 -15.62 -8.58
N ALA C 31 12.68 -14.57 -8.71
CA ALA C 31 11.29 -14.60 -8.22
C ALA C 31 10.45 -15.50 -9.13
N ALA C 32 10.61 -15.39 -10.43
CA ALA C 32 9.89 -16.25 -11.41
C ALA C 32 10.24 -17.73 -11.13
N LYS C 33 11.52 -18.01 -10.93
CA LYS C 33 12.02 -19.38 -10.61
C LYS C 33 11.27 -19.90 -9.37
N ALA C 34 11.26 -19.10 -8.29
CA ALA C 34 10.60 -19.43 -7.01
C ALA C 34 9.12 -19.72 -7.22
N ARG C 35 8.49 -19.09 -8.21
CA ARG C 35 7.02 -19.24 -8.47
C ARG C 35 6.76 -20.33 -9.53
N GLY C 36 7.82 -20.90 -10.13
CA GLY C 36 7.67 -21.88 -11.22
C GLY C 36 7.01 -21.24 -12.43
N LYS C 37 7.30 -19.97 -12.65
CA LYS C 37 6.68 -19.15 -13.72
C LYS C 37 7.76 -18.86 -14.75
N ASN C 38 7.36 -18.71 -16.01
CA ASN C 38 8.23 -18.18 -17.08
C ASN C 38 8.46 -16.69 -16.81
N ARG C 39 9.58 -16.14 -17.27
CA ARG C 39 9.99 -14.75 -16.94
C ARG C 39 8.92 -13.79 -17.45
N THR C 40 8.48 -13.98 -18.69
CA THR C 40 7.48 -13.09 -19.33
C THR C 40 6.16 -13.12 -18.53
N ASP C 41 5.68 -14.27 -18.10
CA ASP C 41 4.39 -14.39 -17.36
C ASP C 41 4.50 -13.68 -16.01
N PHE C 42 5.63 -13.85 -15.32
CA PHE C 42 5.84 -13.22 -13.99
C PHE C 42 5.74 -11.71 -14.15
N VAL C 43 6.44 -11.14 -15.14
CA VAL C 43 6.45 -9.67 -15.37
C VAL C 43 5.05 -9.20 -15.82
N LEU C 44 4.42 -9.89 -16.76
CA LEU C 44 3.11 -9.44 -17.34
C LEU C 44 1.99 -9.57 -16.31
N GLU C 45 1.98 -10.65 -15.52
CA GLU C 45 0.96 -10.83 -14.45
C GLU C 45 1.14 -9.73 -13.39
N ALA C 46 2.37 -9.42 -12.99
CA ALA C 46 2.66 -8.36 -12.00
C ALA C 46 2.21 -7.00 -12.56
N ALA C 47 2.49 -6.72 -13.84
CA ALA C 47 2.10 -5.45 -14.49
C ALA C 47 0.57 -5.36 -14.60
N ARG C 48 -0.10 -6.46 -14.95
CA ARG C 48 -1.58 -6.47 -15.12
C ARG C 48 -2.23 -6.12 -13.79
N ALA C 49 -1.81 -6.80 -12.71
CA ALA C 49 -2.37 -6.64 -11.36
C ALA C 49 -2.15 -5.20 -10.89
N ALA C 50 -0.93 -4.67 -11.09
CA ALA C 50 -0.58 -3.30 -10.66
C ALA C 50 -1.35 -2.28 -11.49
N ALA C 51 -1.61 -2.55 -12.77
CA ALA C 51 -2.28 -1.60 -13.69
C ALA C 51 -3.74 -1.46 -13.29
N GLU C 52 -4.42 -2.58 -13.04
CA GLU C 52 -5.84 -2.54 -12.65
C GLU C 52 -5.95 -1.82 -11.30
N GLU C 53 -5.02 -2.09 -10.37
CA GLU C 53 -5.01 -1.42 -9.06
C GLU C 53 -4.80 0.09 -9.26
N ALA C 54 -3.82 0.48 -10.06
CA ALA C 54 -3.48 1.92 -10.30
C ALA C 54 -4.72 2.65 -10.84
N LEU C 55 -5.48 2.00 -11.72
CA LEU C 55 -6.64 2.65 -12.39
C LEU C 55 -7.84 2.70 -11.44
N ILE C 56 -8.10 1.62 -10.72
CA ILE C 56 -9.34 1.49 -9.89
C ILE C 56 -9.21 2.39 -8.68
N GLU C 57 -8.01 2.48 -8.07
CA GLU C 57 -7.84 3.16 -6.76
C GLU C 57 -7.47 4.63 -6.95
N GLN C 58 -7.56 5.19 -8.17
CA GLN C 58 -7.44 6.67 -8.38
C GLN C 58 -8.45 7.45 -7.53
N ARG C 59 -7.98 8.07 -6.44
CA ARG C 59 -8.83 8.92 -5.56
C ARG C 59 -9.12 10.24 -6.29
N ILE C 60 -8.18 10.76 -7.05
CA ILE C 60 -8.38 12.01 -7.83
C ILE C 60 -8.31 11.65 -9.30
N ILE C 61 -9.40 11.81 -10.02
CA ILE C 61 -9.43 11.58 -11.49
C ILE C 61 -9.29 12.94 -12.21
N MET C 62 -8.18 13.12 -12.93
CA MET C 62 -7.76 14.42 -13.53
C MET C 62 -8.35 14.52 -14.93
N ALA C 63 -9.10 15.59 -15.23
CA ALA C 63 -9.68 15.84 -16.57
C ALA C 63 -8.99 17.02 -17.26
N ASP C 64 -8.67 16.86 -18.55
CA ASP C 64 -8.35 17.97 -19.50
C ASP C 64 -9.50 18.97 -19.42
N PRO C 65 -9.25 20.29 -19.49
CA PRO C 65 -10.28 21.30 -19.23
C PRO C 65 -11.55 21.12 -20.08
N GLU C 66 -11.40 20.73 -21.34
CA GLU C 66 -12.51 20.64 -22.34
C GLU C 66 -13.39 19.44 -21.96
N ALA C 67 -12.74 18.32 -21.59
CA ALA C 67 -13.41 17.08 -21.13
C ALA C 67 -14.16 17.37 -19.84
N TYR C 68 -13.56 18.14 -18.93
CA TYR C 68 -14.12 18.50 -17.61
C TYR C 68 -15.44 19.27 -17.78
N GLN C 69 -15.50 20.26 -18.67
CA GLN C 69 -16.74 21.08 -18.83
C GLN C 69 -17.83 20.23 -19.48
N GLU C 70 -17.49 19.33 -20.41
CA GLU C 70 -18.48 18.40 -21.00
C GLU C 70 -19.02 17.50 -19.87
N PHE C 71 -18.13 16.99 -19.02
CA PHE C 71 -18.50 16.19 -17.83
C PHE C 71 -19.53 16.96 -17.01
N LEU C 72 -19.26 18.23 -16.72
CA LEU C 72 -20.16 19.12 -15.94
C LEU C 72 -21.49 19.29 -16.67
N VAL C 73 -21.46 19.49 -17.98
CA VAL C 73 -22.68 19.64 -18.83
C VAL C 73 -23.54 18.39 -18.66
N ARG C 74 -22.96 17.20 -18.84
CA ARG C 74 -23.67 15.91 -18.67
C ARG C 74 -24.25 15.75 -17.25
N LEU C 75 -23.50 16.14 -16.22
CA LEU C 75 -23.97 16.01 -14.81
C LEU C 75 -25.24 16.84 -14.60
N ASP C 76 -25.26 18.05 -15.17
CA ASP C 76 -26.34 19.07 -14.97
C ASP C 76 -27.52 18.79 -15.91
N GLN C 77 -27.30 18.06 -17.01
CA GLN C 77 -28.30 17.84 -18.08
C GLN C 77 -29.63 17.35 -17.49
N THR C 78 -30.73 17.63 -18.19
CA THR C 78 -32.06 16.98 -17.97
C THR C 78 -31.88 15.46 -17.98
N PRO C 79 -32.28 14.78 -16.89
CA PRO C 79 -32.08 13.34 -16.76
C PRO C 79 -32.85 12.56 -17.84
N SER C 80 -32.13 11.80 -18.67
CA SER C 80 -32.68 10.99 -19.78
C SER C 80 -32.04 9.61 -19.76
N PRO C 81 -32.34 8.74 -18.77
CA PRO C 81 -31.71 7.43 -18.66
C PRO C 81 -32.00 6.53 -19.86
N ASN C 82 -30.94 5.99 -20.48
CA ASN C 82 -31.02 5.14 -21.68
C ASN C 82 -31.75 3.83 -21.32
N ALA C 83 -32.17 3.09 -22.34
CA ALA C 83 -32.97 1.85 -22.25
C ALA C 83 -32.20 0.82 -21.41
N ALA C 84 -30.90 0.67 -21.68
CA ALA C 84 -30.06 -0.36 -21.02
C ALA C 84 -30.05 -0.07 -19.51
N LEU C 85 -29.84 1.19 -19.12
CA LEU C 85 -29.79 1.58 -17.68
C LEU C 85 -31.15 1.33 -17.04
N ARG C 86 -32.23 1.64 -17.74
CA ARG C 86 -33.61 1.45 -17.21
C ARG C 86 -33.82 -0.04 -16.94
N LYS C 87 -33.44 -0.90 -17.89
CA LYS C 87 -33.58 -2.39 -17.75
C LYS C 87 -32.75 -2.87 -16.54
N THR C 88 -31.50 -2.40 -16.40
CA THR C 88 -30.61 -2.76 -15.26
C THR C 88 -31.28 -2.41 -13.92
N MET C 89 -31.73 -1.17 -13.73
CA MET C 89 -32.22 -0.64 -12.44
C MET C 89 -33.62 -1.16 -12.10
N GLN C 90 -34.42 -1.59 -13.08
CA GLN C 90 -35.82 -2.01 -12.82
C GLN C 90 -35.95 -3.53 -12.76
N THR C 91 -34.93 -4.28 -13.17
CA THR C 91 -35.00 -5.77 -13.23
C THR C 91 -34.68 -6.32 -11.85
N PRO C 92 -35.64 -7.01 -11.20
CA PRO C 92 -35.39 -7.59 -9.89
C PRO C 92 -34.22 -8.60 -9.97
N ALA C 93 -33.43 -8.62 -8.91
CA ALA C 93 -32.26 -9.51 -8.74
C ALA C 93 -32.71 -10.95 -8.54
N PRO C 94 -31.85 -11.93 -8.86
CA PRO C 94 -32.12 -13.34 -8.54
C PRO C 94 -32.36 -13.58 -7.05
N TRP C 95 -31.83 -12.72 -6.15
CA TRP C 95 -31.93 -12.91 -4.69
C TRP C 95 -33.16 -12.20 -4.11
N GLU C 96 -33.99 -11.53 -4.91
CA GLU C 96 -35.18 -10.81 -4.36
C GLU C 96 -36.36 -11.77 -4.18
N GLN C 97 -36.17 -13.07 -4.46
CA GLN C 97 -37.07 -14.17 -4.03
C GLN C 97 -36.24 -15.25 -3.32
N MET D 11 23.99 20.53 8.36
CA MET D 11 23.62 21.72 9.21
C MET D 11 23.54 23.00 8.36
N LYS D 12 23.88 22.92 7.06
CA LYS D 12 23.66 24.00 6.06
C LYS D 12 22.63 23.48 5.05
N ARG D 13 22.10 24.35 4.19
CA ARG D 13 20.98 24.00 3.27
C ARG D 13 21.48 23.86 1.83
N GLU D 14 21.13 22.75 1.19
CA GLU D 14 21.48 22.43 -0.22
C GLU D 14 20.24 22.67 -1.07
N THR D 15 20.41 23.18 -2.31
CA THR D 15 19.33 23.29 -3.31
C THR D 15 19.21 21.98 -4.09
N LEU D 16 17.98 21.48 -4.23
CA LEU D 16 17.62 20.34 -5.12
C LEU D 16 16.68 20.89 -6.18
N ASN D 17 17.12 20.91 -7.45
CA ASN D 17 16.30 21.35 -8.60
C ASN D 17 15.80 20.10 -9.34
N LEU D 18 14.48 19.87 -9.33
CA LEU D 18 13.90 18.60 -9.83
C LEU D 18 13.09 18.90 -11.08
N ARG D 19 13.34 18.17 -12.16
CA ARG D 19 12.59 18.26 -13.43
C ARG D 19 11.17 17.76 -13.16
N ILE D 20 10.18 18.60 -13.38
CA ILE D 20 8.75 18.33 -13.05
C ILE D 20 7.90 18.86 -14.20
N LYS D 21 6.88 18.10 -14.62
CA LYS D 21 5.84 18.57 -15.56
C LYS D 21 5.02 19.64 -14.83
N PRO D 22 4.70 20.77 -15.49
CA PRO D 22 3.94 21.85 -14.85
C PRO D 22 2.62 21.38 -14.21
N ALA D 23 1.95 20.41 -14.83
CA ALA D 23 0.67 19.84 -14.33
C ALA D 23 0.90 19.12 -12.99
N GLU D 24 2.06 18.50 -12.82
CA GLU D 24 2.47 17.77 -11.58
C GLU D 24 2.77 18.82 -10.49
N ARG D 25 3.48 19.89 -10.86
CA ARG D 25 3.78 21.03 -9.95
C ARG D 25 2.47 21.64 -9.47
N ASP D 26 1.50 21.85 -10.37
CA ASP D 26 0.23 22.53 -10.03
C ASP D 26 -0.60 21.65 -9.11
N LEU D 27 -0.52 20.33 -9.25
CA LEU D 27 -1.26 19.41 -8.34
C LEU D 27 -0.68 19.51 -6.91
N ILE D 28 0.64 19.60 -6.79
CA ILE D 28 1.32 19.73 -5.46
C ILE D 28 0.92 21.06 -4.81
N ASP D 29 0.87 22.14 -5.60
CA ASP D 29 0.53 23.50 -5.09
C ASP D 29 -0.90 23.50 -4.56
N ARG D 30 -1.82 22.79 -5.22
CA ARG D 30 -3.22 22.67 -4.78
C ARG D 30 -3.28 21.92 -3.46
N ALA D 31 -2.47 20.86 -3.32
CA ALA D 31 -2.48 20.00 -2.11
C ALA D 31 -1.83 20.77 -0.95
N ALA D 32 -0.72 21.47 -1.19
CA ALA D 32 -0.05 22.29 -0.16
C ALA D 32 -1.02 23.36 0.35
N LYS D 33 -1.71 24.02 -0.59
CA LYS D 33 -2.71 25.08 -0.27
C LYS D 33 -3.76 24.48 0.69
N ALA D 34 -4.33 23.34 0.31
CA ALA D 34 -5.39 22.63 1.06
C ALA D 34 -4.90 22.30 2.48
N ARG D 35 -3.60 22.06 2.66
CA ARG D 35 -3.02 21.67 3.98
C ARG D 35 -2.50 22.89 4.75
N GLY D 36 -2.53 24.07 4.14
CA GLY D 36 -1.97 25.30 4.75
C GLY D 36 -0.48 25.18 4.93
N LYS D 37 0.18 24.48 4.03
CA LYS D 37 1.63 24.19 4.08
C LYS D 37 2.29 25.00 2.97
N ASN D 38 3.56 25.39 3.17
CA ASN D 38 4.44 25.91 2.10
C ASN D 38 4.72 24.77 1.12
N ARG D 39 5.01 25.07 -0.15
CA ARG D 39 5.22 24.06 -1.20
C ARG D 39 6.39 23.15 -0.78
N THR D 40 7.49 23.75 -0.36
CA THR D 40 8.72 23.01 0.01
C THR D 40 8.41 22.05 1.18
N ASP D 41 7.68 22.46 2.21
CA ASP D 41 7.37 21.60 3.39
C ASP D 41 6.50 20.42 2.95
N PHE D 42 5.51 20.68 2.10
CA PHE D 42 4.58 19.62 1.63
C PHE D 42 5.41 18.55 0.93
N VAL D 43 6.30 18.95 0.01
CA VAL D 43 7.12 17.99 -0.77
C VAL D 43 8.12 17.28 0.14
N LEU D 44 8.82 18.01 1.03
CA LEU D 44 9.89 17.40 1.88
C LEU D 44 9.27 16.47 2.91
N GLU D 45 8.13 16.84 3.52
CA GLU D 45 7.44 15.97 4.51
C GLU D 45 6.96 14.70 3.81
N ALA D 46 6.39 14.81 2.61
CA ALA D 46 5.92 13.65 1.82
C ALA D 46 7.10 12.74 1.49
N ALA D 47 8.24 13.30 1.06
CA ALA D 47 9.45 12.54 0.71
C ALA D 47 10.03 11.88 1.97
N ARG D 48 10.05 12.56 3.10
CA ARG D 48 10.63 12.02 4.35
C ARG D 48 9.81 10.81 4.78
N ALA D 49 8.48 10.94 4.81
CA ALA D 49 7.54 9.87 5.23
C ALA D 49 7.70 8.68 4.30
N ALA D 50 7.74 8.91 2.98
CA ALA D 50 7.89 7.84 1.97
C ALA D 50 9.26 7.17 2.11
N ALA D 51 10.31 7.91 2.44
CA ALA D 51 11.70 7.39 2.52
C ALA D 51 11.81 6.45 3.73
N GLU D 52 11.29 6.84 4.88
CA GLU D 52 11.35 6.00 6.08
C GLU D 52 10.54 4.72 5.80
N GLU D 53 9.36 4.84 5.16
CA GLU D 53 8.53 3.68 4.80
C GLU D 53 9.31 2.78 3.86
N ALA D 54 9.91 3.34 2.80
CA ALA D 54 10.64 2.56 1.77
C ALA D 54 11.74 1.74 2.44
N LEU D 55 12.45 2.34 3.41
CA LEU D 55 13.63 1.70 4.04
C LEU D 55 13.18 0.64 5.05
N ILE D 56 12.17 0.96 5.86
CA ILE D 56 11.75 0.06 6.96
C ILE D 56 11.04 -1.16 6.37
N GLU D 57 10.25 -1.00 5.32
CA GLU D 57 9.36 -2.08 4.79
C GLU D 57 10.09 -2.98 3.79
N GLN D 58 11.38 -2.76 3.50
CA GLN D 58 12.18 -3.68 2.62
C GLN D 58 12.16 -5.11 3.15
N ARG D 59 11.36 -6.00 2.53
CA ARG D 59 11.26 -7.42 2.90
C ARG D 59 12.53 -8.16 2.46
N ILE D 60 13.08 -7.77 1.32
CA ILE D 60 14.32 -8.41 0.80
C ILE D 60 15.39 -7.32 0.78
N ILE D 61 16.42 -7.47 1.59
CA ILE D 61 17.56 -6.51 1.58
C ILE D 61 18.71 -7.11 0.75
N MET D 62 19.04 -6.46 -0.36
CA MET D 62 20.10 -6.92 -1.30
C MET D 62 21.44 -6.34 -0.87
N ALA D 63 22.45 -7.20 -0.68
CA ALA D 63 23.85 -6.80 -0.41
C ALA D 63 24.72 -7.05 -1.65
N ASP D 64 25.66 -6.13 -1.93
CA ASP D 64 26.85 -6.38 -2.79
C ASP D 64 27.53 -7.64 -2.32
N PRO D 65 28.05 -8.50 -3.23
CA PRO D 65 28.52 -9.84 -2.84
C PRO D 65 29.58 -9.84 -1.72
N GLU D 66 30.48 -8.85 -1.73
CA GLU D 66 31.61 -8.78 -0.76
C GLU D 66 31.05 -8.43 0.63
N ALA D 67 30.09 -7.49 0.67
CA ALA D 67 29.39 -7.08 1.91
C ALA D 67 28.62 -8.27 2.47
N TYR D 68 27.97 -9.04 1.59
CA TYR D 68 27.15 -10.22 1.95
C TYR D 68 28.00 -11.27 2.66
N GLN D 69 29.19 -11.60 2.15
CA GLN D 69 30.06 -12.65 2.75
C GLN D 69 30.59 -12.16 4.09
N GLU D 70 30.91 -10.87 4.23
CA GLU D 70 31.34 -10.29 5.54
C GLU D 70 30.17 -10.43 6.52
N PHE D 71 28.95 -10.11 6.07
CA PHE D 71 27.72 -10.26 6.87
C PHE D 71 27.63 -11.70 7.39
N LEU D 72 27.84 -12.68 6.52
CA LEU D 72 27.77 -14.11 6.89
C LEU D 72 28.90 -14.46 7.85
N VAL D 73 30.10 -13.92 7.64
CA VAL D 73 31.28 -14.10 8.54
C VAL D 73 30.88 -13.63 9.95
N ARG D 74 30.37 -12.41 10.07
CA ARG D 74 29.91 -11.83 11.37
C ARG D 74 28.80 -12.69 12.01
N LEU D 75 27.86 -13.20 11.23
CA LEU D 75 26.73 -14.04 11.77
C LEU D 75 27.31 -15.30 12.44
N ASP D 76 28.31 -15.92 11.80
CA ASP D 76 28.89 -17.23 12.20
C ASP D 76 29.94 -17.02 13.31
N GLN D 77 30.49 -15.81 13.42
CA GLN D 77 31.63 -15.51 14.32
C GLN D 77 31.32 -15.94 15.75
N THR D 78 32.37 -16.27 16.51
CA THR D 78 32.32 -16.52 17.97
C THR D 78 31.63 -15.34 18.66
N PRO D 79 30.54 -15.60 19.40
CA PRO D 79 29.72 -14.55 20.01
C PRO D 79 30.52 -13.64 20.95
N SER D 80 30.58 -12.35 20.62
CA SER D 80 31.41 -11.32 21.29
C SER D 80 30.58 -10.06 21.47
N PRO D 81 29.52 -10.06 22.32
CA PRO D 81 28.68 -8.88 22.52
C PRO D 81 29.46 -7.71 23.16
N ASN D 82 29.39 -6.54 22.53
CA ASN D 82 30.02 -5.29 23.04
C ASN D 82 29.34 -4.89 24.36
N ALA D 83 29.99 -3.97 25.09
CA ALA D 83 29.58 -3.50 26.43
C ALA D 83 28.19 -2.88 26.34
N ALA D 84 27.94 -2.07 25.31
CA ALA D 84 26.66 -1.37 25.13
C ALA D 84 25.54 -2.41 25.05
N LEU D 85 25.71 -3.46 24.25
CA LEU D 85 24.65 -4.49 24.08
C LEU D 85 24.46 -5.24 25.40
N ARG D 86 25.55 -5.55 26.11
CA ARG D 86 25.46 -6.24 27.42
C ARG D 86 24.62 -5.40 28.39
N LYS D 87 24.90 -4.10 28.48
CA LYS D 87 24.18 -3.15 29.36
C LYS D 87 22.69 -3.09 28.96
N THR D 88 22.38 -3.02 27.67
CA THR D 88 20.98 -3.01 27.15
C THR D 88 20.22 -4.26 27.63
N MET D 89 20.75 -5.45 27.38
CA MET D 89 20.05 -6.74 27.63
C MET D 89 20.02 -7.10 29.12
N GLN D 90 20.92 -6.57 29.95
CA GLN D 90 20.98 -6.96 31.38
C GLN D 90 20.31 -5.90 32.28
N THR D 91 19.99 -4.72 31.76
CA THR D 91 19.36 -3.62 32.55
C THR D 91 17.86 -3.89 32.64
N PRO D 92 17.32 -4.11 33.85
CA PRO D 92 15.89 -4.37 33.99
C PRO D 92 15.07 -3.16 33.50
N ALA D 93 13.89 -3.45 32.96
CA ALA D 93 12.99 -2.44 32.37
C ALA D 93 12.31 -1.62 33.47
N PRO D 94 11.87 -0.39 33.18
CA PRO D 94 11.05 0.38 34.12
C PRO D 94 9.72 -0.31 34.48
N TRP D 95 9.24 -1.23 33.64
CA TRP D 95 8.04 -2.07 33.89
C TRP D 95 8.45 -3.39 34.57
N GLU D 96 9.70 -3.48 35.04
CA GLU D 96 10.15 -4.37 36.14
C GLU D 96 10.11 -5.83 35.68
N LYS E 12 13.36 24.94 -21.36
CA LYS E 12 13.00 23.61 -21.95
C LYS E 12 12.77 22.59 -20.83
N ARG E 13 13.55 22.67 -19.75
CA ARG E 13 13.39 21.82 -18.54
C ARG E 13 12.70 22.66 -17.44
N GLU E 14 11.57 22.16 -16.91
CA GLU E 14 10.86 22.87 -15.82
C GLU E 14 11.28 22.24 -14.49
N THR E 15 11.60 23.08 -13.50
CA THR E 15 12.24 22.67 -12.23
C THR E 15 11.29 23.00 -11.07
N LEU E 16 11.33 22.14 -10.04
CA LEU E 16 10.88 22.40 -8.67
C LEU E 16 12.12 22.51 -7.77
N ASN E 17 12.30 23.67 -7.15
CA ASN E 17 13.49 24.07 -6.37
C ASN E 17 13.23 23.82 -4.88
N LEU E 18 14.03 22.93 -4.29
CA LEU E 18 13.97 22.55 -2.87
C LEU E 18 15.25 23.00 -2.19
N ARG E 19 15.13 23.72 -1.08
CA ARG E 19 16.23 23.84 -0.09
C ARG E 19 16.10 22.61 0.81
N ILE E 20 17.14 21.80 0.88
CA ILE E 20 17.12 20.52 1.64
C ILE E 20 18.38 20.40 2.49
N LYS E 21 18.22 20.00 3.75
CA LYS E 21 19.35 19.65 4.65
C LYS E 21 20.00 18.40 4.07
N PRO E 22 21.35 18.34 4.01
CA PRO E 22 22.04 17.19 3.42
C PRO E 22 21.62 15.84 4.04
N ALA E 23 21.34 15.80 5.33
CA ALA E 23 20.91 14.57 6.04
C ALA E 23 19.54 14.09 5.51
N GLU E 24 18.68 15.04 5.12
CA GLU E 24 17.34 14.76 4.54
C GLU E 24 17.53 14.21 3.12
N ARG E 25 18.42 14.83 2.35
CA ARG E 25 18.76 14.37 0.97
C ARG E 25 19.37 12.96 1.05
N ASP E 26 20.24 12.69 2.01
CA ASP E 26 20.94 11.38 2.14
C ASP E 26 19.91 10.28 2.46
N LEU E 27 18.88 10.61 3.25
CA LEU E 27 17.85 9.61 3.60
C LEU E 27 17.04 9.26 2.33
N ILE E 28 16.73 10.25 1.50
CA ILE E 28 15.96 10.04 0.23
C ILE E 28 16.80 9.17 -0.73
N ASP E 29 18.10 9.43 -0.82
CA ASP E 29 19.01 8.68 -1.73
C ASP E 29 19.06 7.20 -1.28
N ARG E 30 19.07 6.95 0.02
CA ARG E 30 19.07 5.57 0.56
C ARG E 30 17.75 4.88 0.21
N ALA E 31 16.63 5.62 0.30
CA ALA E 31 15.28 5.06 0.07
C ALA E 31 15.10 4.80 -1.44
N ALA E 32 15.54 5.75 -2.27
CA ALA E 32 15.49 5.62 -3.74
C ALA E 32 16.33 4.40 -4.14
N LYS E 33 17.53 4.26 -3.60
CA LYS E 33 18.45 3.13 -3.90
C LYS E 33 17.72 1.82 -3.61
N ALA E 34 17.13 1.71 -2.41
CA ALA E 34 16.39 0.52 -1.94
C ALA E 34 15.26 0.17 -2.91
N ARG E 35 14.67 1.17 -3.57
CA ARG E 35 13.51 0.98 -4.47
C ARG E 35 13.95 0.85 -5.94
N GLY E 36 15.25 1.02 -6.21
CA GLY E 36 15.78 1.08 -7.59
C GLY E 36 15.22 2.25 -8.37
N LYS E 37 14.91 3.37 -7.72
CA LYS E 37 14.45 4.61 -8.40
C LYS E 37 15.52 5.69 -8.35
N ASN E 38 15.52 6.61 -9.30
CA ASN E 38 16.36 7.84 -9.21
C ASN E 38 15.71 8.77 -8.18
N ARG E 39 16.52 9.68 -7.65
CA ARG E 39 16.17 10.61 -6.57
C ARG E 39 14.94 11.42 -6.96
N THR E 40 14.95 11.99 -8.16
CA THR E 40 13.85 12.86 -8.67
C THR E 40 12.53 12.10 -8.65
N ASP E 41 12.53 10.86 -9.16
CA ASP E 41 11.29 10.05 -9.30
C ASP E 41 10.75 9.71 -7.91
N PHE E 42 11.64 9.35 -6.99
CA PHE E 42 11.26 8.98 -5.61
C PHE E 42 10.51 10.16 -4.98
N VAL E 43 11.08 11.36 -5.05
CA VAL E 43 10.51 12.58 -4.43
C VAL E 43 9.20 12.94 -5.12
N LEU E 44 9.16 12.93 -6.46
CA LEU E 44 7.95 13.41 -7.19
C LEU E 44 6.80 12.40 -7.07
N GLU E 45 7.09 11.12 -7.08
CA GLU E 45 6.05 10.06 -6.89
C GLU E 45 5.49 10.17 -5.45
N ALA E 46 6.34 10.39 -4.45
CA ALA E 46 5.90 10.55 -3.04
C ALA E 46 5.02 11.80 -2.92
N ALA E 47 5.41 12.91 -3.55
CA ALA E 47 4.63 14.17 -3.51
C ALA E 47 3.30 14.00 -4.25
N ARG E 48 3.30 13.31 -5.39
CA ARG E 48 2.05 13.10 -6.17
C ARG E 48 1.05 12.30 -5.31
N ALA E 49 1.49 11.20 -4.70
CA ALA E 49 0.65 10.32 -3.85
C ALA E 49 0.10 11.11 -2.66
N ALA E 50 0.94 11.90 -2.00
CA ALA E 50 0.51 12.74 -0.85
C ALA E 50 -0.47 13.82 -1.31
N ALA E 51 -0.30 14.37 -2.51
CA ALA E 51 -1.15 15.46 -3.06
C ALA E 51 -2.56 14.91 -3.32
N GLU E 52 -2.66 13.76 -3.98
CA GLU E 52 -3.96 13.11 -4.26
C GLU E 52 -4.68 12.84 -2.93
N GLU E 53 -3.95 12.30 -1.96
CA GLU E 53 -4.51 12.00 -0.62
C GLU E 53 -5.01 13.30 0.03
N ALA E 54 -4.19 14.34 0.04
CA ALA E 54 -4.54 15.64 0.67
C ALA E 54 -5.84 16.19 0.05
N LEU E 55 -5.99 16.07 -1.26
CA LEU E 55 -7.12 16.68 -2.01
C LEU E 55 -8.39 15.85 -1.82
N ILE E 56 -8.30 14.51 -1.82
CA ILE E 56 -9.52 13.69 -1.60
C ILE E 56 -9.99 13.84 -0.15
N GLU E 57 -9.08 13.96 0.81
CA GLU E 57 -9.40 14.07 2.26
C GLU E 57 -10.12 15.40 2.55
N GLN E 58 -9.69 16.48 1.90
CA GLN E 58 -10.30 17.83 2.04
C GLN E 58 -11.75 17.78 1.55
N ARG E 59 -11.96 17.37 0.30
CA ARG E 59 -13.25 17.52 -0.41
C ARG E 59 -14.28 16.53 0.16
N ILE E 60 -13.86 15.33 0.57
CA ILE E 60 -14.82 14.25 0.92
C ILE E 60 -14.87 13.96 2.43
N ILE E 61 -13.77 14.09 3.18
CA ILE E 61 -13.81 13.83 4.64
C ILE E 61 -13.94 15.15 5.41
N MET E 62 -13.08 16.14 5.14
CA MET E 62 -12.84 17.27 6.08
C MET E 62 -13.79 18.43 5.78
N ALA E 63 -14.42 18.46 4.60
CA ALA E 63 -15.49 19.43 4.30
C ALA E 63 -16.65 19.21 5.29
N ASP E 64 -16.85 17.96 5.74
CA ASP E 64 -17.89 17.57 6.73
C ASP E 64 -17.64 16.13 7.19
N PRO E 65 -16.82 15.94 8.26
CA PRO E 65 -16.53 14.61 8.79
C PRO E 65 -17.79 13.80 9.15
N GLU E 66 -18.84 14.47 9.65
CA GLU E 66 -20.07 13.80 10.12
C GLU E 66 -20.84 13.28 8.91
N ALA E 67 -20.89 14.05 7.82
CA ALA E 67 -21.52 13.66 6.54
C ALA E 67 -20.77 12.45 5.97
N TYR E 68 -19.45 12.44 6.06
CA TYR E 68 -18.62 11.31 5.54
C TYR E 68 -18.94 10.00 6.26
N GLN E 69 -19.04 10.02 7.59
CA GLN E 69 -19.37 8.81 8.41
C GLN E 69 -20.77 8.30 8.07
N GLU E 70 -21.72 9.21 7.86
CA GLU E 70 -23.11 8.84 7.48
C GLU E 70 -23.04 8.18 6.10
N PHE E 71 -22.28 8.76 5.17
CA PHE E 71 -22.02 8.18 3.83
C PHE E 71 -21.60 6.71 4.02
N LEU E 72 -20.59 6.46 4.85
CA LEU E 72 -20.05 5.08 5.06
C LEU E 72 -21.16 4.18 5.63
N VAL E 73 -21.92 4.69 6.61
CA VAL E 73 -23.03 3.95 7.26
C VAL E 73 -24.06 3.53 6.20
N ARG E 74 -24.53 4.51 5.44
CA ARG E 74 -25.60 4.33 4.43
C ARG E 74 -25.12 3.41 3.30
N LEU E 75 -23.84 3.44 2.94
CA LEU E 75 -23.30 2.62 1.83
C LEU E 75 -23.54 1.13 2.10
N ASP E 76 -23.42 0.70 3.37
CA ASP E 76 -23.52 -0.73 3.76
C ASP E 76 -24.98 -1.18 3.89
N GLN E 77 -25.89 -0.26 4.13
CA GLN E 77 -27.33 -0.60 4.35
C GLN E 77 -27.90 -1.21 3.08
N THR E 78 -28.81 -2.19 3.21
CA THR E 78 -29.38 -2.94 2.06
C THR E 78 -30.21 -1.99 1.23
N PRO E 79 -29.90 -1.86 -0.08
CA PRO E 79 -30.70 -1.02 -0.97
C PRO E 79 -32.11 -1.58 -1.19
N SER E 80 -33.14 -0.76 -0.98
CA SER E 80 -34.55 -1.11 -1.27
C SER E 80 -35.20 -0.05 -2.18
N PRO E 81 -35.37 -0.33 -3.49
CA PRO E 81 -35.88 0.67 -4.44
C PRO E 81 -37.29 1.19 -4.13
N ASN E 82 -38.20 0.29 -3.75
CA ASN E 82 -39.64 0.59 -3.52
C ASN E 82 -39.80 1.35 -2.19
N ALA F 10 28.44 5.59 -27.13
CA ALA F 10 27.26 5.21 -26.30
C ALA F 10 27.53 3.86 -25.60
N MET F 11 27.31 3.78 -24.28
CA MET F 11 27.34 2.48 -23.52
C MET F 11 26.18 1.60 -24.02
N LYS F 12 26.12 0.34 -23.58
CA LYS F 12 25.06 -0.61 -24.04
C LYS F 12 23.77 -0.27 -23.29
N ARG F 13 22.63 -0.52 -23.94
CA ARG F 13 21.29 -0.52 -23.30
C ARG F 13 20.88 -1.97 -23.02
N GLU F 14 20.58 -2.30 -21.77
CA GLU F 14 20.29 -3.70 -21.35
C GLU F 14 18.77 -3.87 -21.32
N THR F 15 18.26 -4.92 -21.96
CA THR F 15 16.83 -5.03 -22.37
C THR F 15 16.21 -6.25 -21.70
N LEU F 16 14.95 -6.12 -21.29
CA LEU F 16 14.04 -7.25 -20.99
C LEU F 16 12.92 -7.23 -22.03
N ASN F 17 12.83 -8.29 -22.84
CA ASN F 17 12.00 -8.40 -24.06
C ASN F 17 10.69 -9.13 -23.72
N LEU F 18 9.56 -8.46 -23.90
CA LEU F 18 8.21 -8.99 -23.64
C LEU F 18 7.43 -9.08 -24.95
N ARG F 19 6.83 -10.21 -25.23
CA ARG F 19 5.73 -10.32 -26.22
C ARG F 19 4.45 -9.98 -25.45
N ILE F 20 3.72 -8.95 -25.88
CA ILE F 20 2.51 -8.44 -25.16
C ILE F 20 1.36 -8.24 -26.15
N LYS F 21 0.18 -8.70 -25.77
CA LYS F 21 -1.09 -8.42 -26.51
C LYS F 21 -1.35 -6.92 -26.42
N PRO F 22 -1.71 -6.24 -27.54
CA PRO F 22 -1.89 -4.80 -27.56
C PRO F 22 -2.88 -4.29 -26.49
N ALA F 23 -3.92 -5.05 -26.18
CA ALA F 23 -4.95 -4.68 -25.18
C ALA F 23 -4.30 -4.64 -23.77
N GLU F 24 -3.31 -5.52 -23.52
CA GLU F 24 -2.55 -5.57 -22.24
C GLU F 24 -1.61 -4.37 -22.18
N ARG F 25 -0.95 -4.05 -23.29
CA ARG F 25 -0.06 -2.86 -23.41
C ARG F 25 -0.90 -1.59 -23.16
N ASP F 26 -2.08 -1.51 -23.74
CA ASP F 26 -2.97 -0.31 -23.64
C ASP F 26 -3.42 -0.12 -22.19
N LEU F 27 -3.64 -1.21 -21.46
CA LEU F 27 -4.07 -1.11 -20.05
C LEU F 27 -2.91 -0.55 -19.20
N ILE F 28 -1.68 -0.98 -19.47
CA ILE F 28 -0.47 -0.49 -18.74
C ILE F 28 -0.26 0.99 -19.05
N ASP F 29 -0.46 1.41 -20.30
CA ASP F 29 -0.29 2.84 -20.71
C ASP F 29 -1.31 3.70 -19.96
N ARG F 30 -2.53 3.22 -19.79
CA ARG F 30 -3.58 3.95 -19.04
C ARG F 30 -3.17 4.06 -17.57
N ALA F 31 -2.62 2.99 -17.00
CA ALA F 31 -2.25 2.93 -15.58
C ALA F 31 -1.02 3.82 -15.34
N ALA F 32 -0.03 3.76 -16.23
CA ALA F 32 1.18 4.61 -16.17
C ALA F 32 0.75 6.07 -16.25
N LYS F 33 -0.13 6.41 -17.19
CA LYS F 33 -0.65 7.79 -17.36
C LYS F 33 -1.24 8.28 -16.04
N ALA F 34 -2.12 7.48 -15.45
CA ALA F 34 -2.82 7.77 -14.18
C ALA F 34 -1.79 8.02 -13.06
N ARG F 35 -0.62 7.39 -13.10
CA ARG F 35 0.42 7.50 -12.05
C ARG F 35 1.47 8.56 -12.42
N GLY F 36 1.39 9.15 -13.61
CA GLY F 36 2.43 10.07 -14.12
C GLY F 36 3.77 9.38 -14.28
N LYS F 37 3.78 8.07 -14.61
CA LYS F 37 5.03 7.32 -14.87
C LYS F 37 5.13 6.96 -16.34
N ASN F 38 6.34 6.79 -16.86
CA ASN F 38 6.56 6.19 -18.19
C ASN F 38 6.26 4.68 -18.09
N ARG F 39 5.97 4.09 -19.24
CA ARG F 39 5.54 2.69 -19.40
C ARG F 39 6.60 1.78 -18.79
N THR F 40 7.86 1.99 -19.12
CA THR F 40 9.00 1.17 -18.65
C THR F 40 9.04 1.14 -17.11
N ASP F 41 8.92 2.30 -16.47
CA ASP F 41 9.06 2.42 -15.00
C ASP F 41 7.87 1.71 -14.34
N PHE F 42 6.67 1.88 -14.89
CA PHE F 42 5.44 1.25 -14.34
C PHE F 42 5.64 -0.26 -14.31
N VAL F 43 6.07 -0.85 -15.42
CA VAL F 43 6.25 -2.32 -15.55
C VAL F 43 7.39 -2.78 -14.63
N LEU F 44 8.54 -2.09 -14.64
CA LEU F 44 9.73 -2.53 -13.86
C LEU F 44 9.48 -2.39 -12.34
N GLU F 45 8.83 -1.31 -11.92
CA GLU F 45 8.52 -1.10 -10.48
C GLU F 45 7.51 -2.18 -10.02
N ALA F 46 6.50 -2.49 -10.84
CA ALA F 46 5.51 -3.55 -10.52
C ALA F 46 6.22 -4.91 -10.42
N ALA F 47 7.13 -5.22 -11.34
CA ALA F 47 7.88 -6.50 -11.34
C ALA F 47 8.81 -6.56 -10.11
N ARG F 48 9.48 -5.46 -9.78
CA ARG F 48 10.41 -5.43 -8.61
C ARG F 48 9.62 -5.73 -7.33
N ALA F 49 8.50 -5.05 -7.12
CA ALA F 49 7.64 -5.20 -5.92
C ALA F 49 7.12 -6.64 -5.83
N ALA F 50 6.66 -7.21 -6.95
CA ALA F 50 6.15 -8.60 -6.99
C ALA F 50 7.30 -9.60 -6.71
N ALA F 51 8.51 -9.31 -7.19
CA ALA F 51 9.69 -10.19 -7.04
C ALA F 51 10.09 -10.26 -5.57
N GLU F 52 10.18 -9.11 -4.90
CA GLU F 52 10.54 -9.05 -3.45
C GLU F 52 9.50 -9.84 -2.65
N GLU F 53 8.22 -9.64 -2.97
CA GLU F 53 7.11 -10.33 -2.28
C GLU F 53 7.26 -11.84 -2.50
N ALA F 54 7.46 -12.28 -3.75
CA ALA F 54 7.57 -13.71 -4.10
C ALA F 54 8.72 -14.35 -3.30
N LEU F 55 9.84 -13.64 -3.17
CA LEU F 55 11.07 -14.19 -2.55
C LEU F 55 10.93 -14.21 -1.03
N ILE F 56 10.33 -13.20 -0.40
CA ILE F 56 10.17 -13.23 1.08
C ILE F 56 9.14 -14.30 1.45
N GLU F 57 8.10 -14.48 0.65
CA GLU F 57 7.02 -15.47 0.92
C GLU F 57 7.56 -16.91 0.84
N GLN F 58 8.44 -17.18 -0.13
CA GLN F 58 9.06 -18.51 -0.32
C GLN F 58 9.92 -18.85 0.90
N ARG F 59 10.86 -17.98 1.28
CA ARG F 59 11.91 -18.28 2.28
C ARG F 59 11.29 -18.33 3.68
N ILE F 60 10.30 -17.50 3.98
CA ILE F 60 9.85 -17.28 5.38
C ILE F 60 8.45 -17.85 5.62
N ILE F 61 7.54 -17.85 4.64
CA ILE F 61 6.20 -18.44 4.85
C ILE F 61 6.15 -19.86 4.27
N MET F 62 6.55 -20.07 3.02
CA MET F 62 6.15 -21.30 2.26
C MET F 62 7.19 -22.41 2.41
N ALA F 63 8.40 -22.09 2.88
CA ALA F 63 9.39 -23.12 3.26
C ALA F 63 8.81 -23.95 4.41
N ASP F 64 7.97 -23.35 5.26
CA ASP F 64 7.29 -24.02 6.40
C ASP F 64 6.18 -23.11 6.95
N PRO F 65 4.94 -23.19 6.39
CA PRO F 65 3.83 -22.36 6.87
C PRO F 65 3.55 -22.52 8.37
N GLU F 66 3.74 -23.72 8.93
CA GLU F 66 3.46 -24.02 10.36
C GLU F 66 4.50 -23.31 11.23
N ALA F 67 5.77 -23.31 10.82
CA ALA F 67 6.88 -22.61 11.50
C ALA F 67 6.60 -21.10 11.48
N TYR F 68 6.09 -20.57 10.37
CA TYR F 68 5.78 -19.11 10.24
C TYR F 68 4.69 -18.70 11.25
N GLN F 69 3.63 -19.47 11.37
CA GLN F 69 2.51 -19.22 12.32
C GLN F 69 3.01 -19.26 13.78
N GLU F 70 3.89 -20.22 14.10
CA GLU F 70 4.48 -20.34 15.45
C GLU F 70 5.31 -19.07 15.70
N PHE F 71 6.10 -18.64 14.70
CA PHE F 71 6.88 -17.37 14.74
C PHE F 71 5.94 -16.25 15.17
N LEU F 72 4.81 -16.09 14.47
CA LEU F 72 3.86 -14.98 14.75
C LEU F 72 3.32 -15.11 16.18
N VAL F 73 2.95 -16.33 16.59
CA VAL F 73 2.42 -16.62 17.95
C VAL F 73 3.45 -16.18 19.00
N ARG F 74 4.67 -16.68 18.86
CA ARG F 74 5.77 -16.46 19.82
C ARG F 74 6.16 -14.98 19.86
N LEU F 75 6.07 -14.24 18.75
CA LEU F 75 6.49 -12.82 18.68
C LEU F 75 5.66 -12.00 19.68
N ASP F 76 4.38 -12.32 19.87
CA ASP F 76 3.46 -11.56 20.74
C ASP F 76 3.64 -11.92 22.23
N GLN F 77 4.15 -13.11 22.53
CA GLN F 77 4.27 -13.60 23.93
C GLN F 77 5.26 -12.72 24.70
N THR F 78 5.00 -12.48 26.00
CA THR F 78 5.79 -11.54 26.81
C THR F 78 7.17 -12.15 27.02
N PRO F 79 8.24 -11.42 26.66
CA PRO F 79 9.60 -11.88 26.90
C PRO F 79 9.94 -11.96 28.39
N SER F 80 10.38 -13.11 28.88
CA SER F 80 10.65 -13.37 30.33
C SER F 80 12.01 -14.03 30.53
N PRO F 81 13.14 -13.27 30.50
CA PRO F 81 14.47 -13.86 30.60
C PRO F 81 14.71 -14.59 31.94
N ASN F 82 15.13 -15.86 31.88
CA ASN F 82 15.37 -16.75 33.05
C ASN F 82 14.04 -17.11 33.70
#